data_5YN5
#
_entry.id   5YN5
#
_cell.length_a   66.754
_cell.length_b   70.527
_cell.length_c   119.254
_cell.angle_alpha   90.00
_cell.angle_beta   90.00
_cell.angle_gamma   90.00
#
_symmetry.space_group_name_H-M   'P 21 2 21'
#
loop_
_entity.id
_entity.type
_entity.pdbx_description
1 polymer 'nsp16 protein'
2 polymer 'nsp10 protein'
3 non-polymer 'ZINC ION'
4 water water
#
loop_
_entity_poly.entity_id
_entity_poly.type
_entity_poly.pdbx_seq_one_letter_code
_entity_poly.pdbx_strand_id
1 'polypeptide(L)'
;ASADWKPGHAMPSLFKVQNVNLERCELANYKQSIPMPRGVHMNIAKYMQLCQYLNTCTLAVPANMRVIHFGAGSDKGIAP
GTSVLRQWLPTDAIIIDNDLNEFVSDADITLFGDCVTVRVGQQVDLVISDMYDPTTKNVTGSNESKALFFTYLCNLINNN
LALGGSVAIKITEHSWSVELYELMGKFAWWTVFCTNANASSSEGFLLGINYLGTIKENIDGGAMHANYIFWRNSTPMNLS
TYSLFDLSKFQLKLKGTPVLQLKESQINELVISLLSQGKLLIRDNDTLSVSTDVLVNTYRKLR
;
A
2 'polypeptide(L)'
;AGSNTEFASNSSVLSLVNFTVDPQKAYLDFVNAGGAPLTNCVKMLTPKTGTGIAISVKPESTADQETYGGASVCLYCRAH
IEHPDVSGVCKYKGKFVQIPAQCVRDPVGFCLSNTPCNVCQYWIGYGCNCDSLRQAALPQ
;
B
#
loop_
_chem_comp.id
_chem_comp.type
_chem_comp.name
_chem_comp.formula
ZN non-polymer 'ZINC ION' 'Zn 2'
#
# COMPACT_ATOMS: atom_id res chain seq x y z
N ALA A 1 -13.67 -24.57 4.79
CA ALA A 1 -12.36 -23.93 5.00
C ALA A 1 -12.47 -22.41 5.11
N SER A 2 -13.10 -21.96 6.19
CA SER A 2 -13.35 -20.54 6.44
C SER A 2 -12.09 -19.71 6.30
N ALA A 3 -10.97 -20.20 6.83
CA ALA A 3 -9.77 -19.37 6.86
C ALA A 3 -9.34 -18.96 5.46
N ASP A 4 -9.64 -19.79 4.46
CA ASP A 4 -9.25 -19.45 3.09
C ASP A 4 -10.09 -18.32 2.51
N TRP A 5 -11.26 -18.04 3.09
CA TRP A 5 -12.05 -16.89 2.71
C TRP A 5 -11.67 -15.63 3.49
N LYS A 6 -10.92 -15.78 4.58
CA LYS A 6 -10.36 -14.63 5.29
C LYS A 6 -9.19 -14.04 4.51
N PRO A 7 -8.85 -12.77 4.77
CA PRO A 7 -7.71 -12.17 4.04
C PRO A 7 -6.37 -12.77 4.43
N GLY A 8 -6.28 -13.43 5.58
CA GLY A 8 -5.03 -13.97 6.06
C GLY A 8 -5.20 -14.43 7.51
N HIS A 9 -4.08 -14.62 8.19
CA HIS A 9 -4.06 -15.16 9.55
C HIS A 9 -3.35 -14.18 10.46
N ALA A 10 -3.86 -14.02 11.69
CA ALA A 10 -3.27 -13.13 12.68
C ALA A 10 -2.74 -13.94 13.87
N MET A 11 -1.56 -13.60 14.31
CA MET A 11 -0.93 -14.32 15.43
C MET A 11 -1.82 -14.30 16.66
N PRO A 12 -2.22 -15.44 17.21
CA PRO A 12 -3.11 -15.43 18.36
C PRO A 12 -2.34 -15.32 19.67
N SER A 13 -3.06 -14.89 20.69
CA SER A 13 -2.40 -14.80 21.98
C SER A 13 -1.91 -16.17 22.44
N LEU A 14 -2.52 -17.27 21.96
CA LEU A 14 -2.01 -18.60 22.26
C LEU A 14 -0.51 -18.69 22.00
N PHE A 15 -0.02 -18.07 20.93
CA PHE A 15 1.41 -18.13 20.67
C PHE A 15 2.17 -16.95 21.22
N LYS A 16 1.52 -15.82 21.48
CA LYS A 16 2.20 -14.68 22.08
C LYS A 16 2.75 -15.02 23.46
N VAL A 17 2.06 -15.89 24.20
CA VAL A 17 2.46 -16.18 25.58
C VAL A 17 3.43 -17.34 25.70
N GLN A 18 3.87 -17.93 24.58
CA GLN A 18 4.75 -19.08 24.68
C GLN A 18 6.16 -18.63 25.09
N ASN A 19 7.01 -19.62 25.36
CA ASN A 19 8.38 -19.38 25.81
C ASN A 19 9.27 -20.45 25.19
N VAL A 20 9.84 -20.13 24.03
CA VAL A 20 10.48 -21.14 23.20
C VAL A 20 11.76 -20.55 22.61
N ASN A 21 12.64 -21.44 22.17
CA ASN A 21 13.83 -21.01 21.49
C ASN A 21 13.48 -20.62 20.06
N LEU A 22 14.32 -19.77 19.49
CA LEU A 22 14.13 -19.41 18.10
C LEU A 22 14.57 -20.57 17.21
N GLU A 23 13.68 -20.99 16.31
CA GLU A 23 13.98 -22.12 15.44
C GLU A 23 13.95 -21.65 14.00
N ARG A 24 14.41 -22.51 13.11
CA ARG A 24 14.30 -22.22 11.70
C ARG A 24 12.83 -22.23 11.32
N CYS A 25 12.44 -21.36 10.40
CA CYS A 25 11.09 -21.36 9.90
C CYS A 25 11.01 -22.39 8.78
N GLU A 26 10.11 -23.36 8.92
CA GLU A 26 9.95 -24.45 7.94
C GLU A 26 8.48 -24.52 7.57
N LEU A 27 8.12 -24.02 6.40
CA LEU A 27 6.74 -23.99 5.96
C LEU A 27 6.49 -25.09 4.93
N ALA A 28 5.40 -25.83 5.11
CA ALA A 28 5.13 -26.97 4.21
C ALA A 28 5.01 -26.52 2.76
N ASN A 29 4.26 -25.45 2.51
CA ASN A 29 4.18 -24.84 1.19
C ASN A 29 5.37 -23.90 1.05
N TYR A 30 6.38 -24.31 0.30
CA TYR A 30 7.51 -23.47 -0.02
C TYR A 30 7.74 -23.55 -1.52
N LYS A 31 8.12 -22.42 -2.12
CA LYS A 31 8.30 -22.29 -3.57
C LYS A 31 6.97 -22.45 -4.31
N GLN A 32 5.92 -22.90 -3.62
CA GLN A 32 4.57 -22.83 -4.16
C GLN A 32 4.12 -21.37 -4.19
N SER A 33 3.73 -20.90 -5.36
CA SER A 33 3.28 -19.52 -5.55
C SER A 33 1.82 -19.49 -5.97
N ILE A 34 1.18 -18.36 -5.69
CA ILE A 34 -0.23 -18.34 -6.04
C ILE A 34 -0.41 -17.71 -7.42
N PRO A 35 -1.28 -18.28 -8.26
CA PRO A 35 -1.59 -17.61 -9.53
C PRO A 35 -2.33 -16.32 -9.26
N MET A 36 -2.06 -15.31 -10.06
CA MET A 36 -2.69 -14.05 -9.75
C MET A 36 -3.94 -13.85 -10.58
N PRO A 37 -5.08 -13.56 -9.95
CA PRO A 37 -6.33 -13.38 -10.70
C PRO A 37 -6.21 -12.21 -11.66
N ARG A 38 -6.46 -12.49 -12.94
CA ARG A 38 -6.55 -11.51 -14.04
C ARG A 38 -5.20 -10.95 -14.48
N GLY A 39 -4.09 -11.64 -14.21
CA GLY A 39 -2.80 -11.09 -14.62
C GLY A 39 -2.40 -9.87 -13.82
N VAL A 40 -2.77 -9.86 -12.56
CA VAL A 40 -2.63 -8.70 -11.70
C VAL A 40 -1.38 -8.89 -10.85
N HIS A 41 -0.68 -7.80 -10.52
CA HIS A 41 0.53 -7.92 -9.71
C HIS A 41 0.21 -8.60 -8.38
N MET A 42 1.13 -9.48 -7.94
CA MET A 42 0.96 -10.16 -6.65
C MET A 42 0.78 -9.14 -5.52
N ASN A 43 1.51 -8.03 -5.58
CA ASN A 43 1.36 -6.99 -4.58
C ASN A 43 -0.03 -6.37 -4.56
N ILE A 44 -0.80 -6.46 -5.65
CA ILE A 44 -2.20 -6.03 -5.54
C ILE A 44 -2.91 -6.89 -4.50
N ALA A 45 -2.79 -8.21 -4.64
CA ALA A 45 -3.48 -9.13 -3.74
C ALA A 45 -2.95 -8.99 -2.30
N LYS A 46 -1.65 -8.79 -2.15
CA LYS A 46 -1.06 -8.73 -0.82
C LYS A 46 -1.53 -7.48 -0.09
N TYR A 47 -1.41 -6.33 -0.74
CA TYR A 47 -1.87 -5.09 -0.10
C TYR A 47 -3.38 -5.11 0.14
N MET A 48 -4.16 -5.64 -0.79
CA MET A 48 -5.60 -5.64 -0.56
C MET A 48 -5.95 -6.46 0.68
N GLN A 49 -5.28 -7.61 0.85
CA GLN A 49 -5.58 -8.46 2.00
C GLN A 49 -5.13 -7.80 3.29
N LEU A 50 -3.99 -7.10 3.28
CA LEU A 50 -3.59 -6.31 4.43
C LEU A 50 -4.66 -5.26 4.75
N CYS A 51 -5.15 -4.54 3.73
CA CYS A 51 -6.22 -3.56 3.95
C CYS A 51 -7.49 -4.21 4.49
N GLN A 52 -7.87 -5.37 3.95
CA GLN A 52 -9.07 -6.03 4.44
C GLN A 52 -8.93 -6.38 5.93
N TYR A 53 -7.74 -6.81 6.33
CA TYR A 53 -7.56 -7.09 7.76
C TYR A 53 -7.62 -5.82 8.58
N LEU A 54 -6.97 -4.75 8.12
CA LEU A 54 -7.04 -3.46 8.81
C LEU A 54 -8.46 -2.93 8.89
N ASN A 55 -9.33 -3.27 7.90
CA ASN A 55 -10.75 -2.95 8.03
C ASN A 55 -11.40 -3.59 9.27
N THR A 56 -10.89 -4.70 9.77
CA THR A 56 -11.44 -5.28 10.99
C THR A 56 -10.81 -4.70 12.25
N CYS A 57 -9.87 -3.76 12.12
CA CYS A 57 -9.19 -3.18 13.27
C CYS A 57 -9.77 -1.81 13.56
N THR A 58 -9.54 -1.31 14.79
CA THR A 58 -10.12 -0.01 15.17
C THR A 58 -9.18 1.12 14.72
N LEU A 59 -8.94 1.20 13.41
CA LEU A 59 -8.09 2.28 12.89
C LEU A 59 -8.76 3.62 13.07
N ALA A 60 -7.95 4.63 13.39
CA ALA A 60 -8.42 6.01 13.33
C ALA A 60 -8.40 6.48 11.89
N VAL A 61 -9.52 7.04 11.43
CA VAL A 61 -9.69 7.46 10.04
C VAL A 61 -10.19 8.90 10.01
N PRO A 62 -9.32 9.88 10.13
CA PRO A 62 -9.76 11.27 10.17
C PRO A 62 -9.93 11.81 8.75
N ALA A 63 -10.49 13.02 8.67
CA ALA A 63 -10.31 13.83 7.46
C ALA A 63 -8.82 14.14 7.26
N ASN A 64 -8.43 14.33 5.99
CA ASN A 64 -7.02 14.64 5.65
C ASN A 64 -6.05 13.63 6.30
N MET A 65 -6.43 12.36 6.30
CA MET A 65 -5.64 11.31 6.94
C MET A 65 -4.22 11.24 6.36
N ARG A 66 -3.23 11.14 7.24
CA ARG A 66 -1.81 11.21 6.86
C ARG A 66 -1.21 9.81 6.83
N VAL A 67 -0.86 9.34 5.63
CA VAL A 67 -0.41 7.97 5.44
C VAL A 67 0.96 8.02 4.79
N ILE A 68 1.94 7.35 5.39
CA ILE A 68 3.25 7.23 4.75
C ILE A 68 3.52 5.76 4.45
N HIS A 69 4.06 5.51 3.26
CA HIS A 69 4.22 4.18 2.71
C HIS A 69 5.68 4.02 2.29
N PHE A 70 6.45 3.23 3.05
CA PHE A 70 7.86 3.00 2.75
C PHE A 70 8.02 1.71 2.00
N GLY A 71 9.07 1.62 1.19
CA GLY A 71 9.28 0.44 0.39
C GLY A 71 8.24 0.29 -0.69
N ALA A 72 7.75 1.41 -1.22
CA ALA A 72 6.61 1.41 -2.11
C ALA A 72 6.95 1.02 -3.55
N GLY A 73 8.22 0.98 -3.94
CA GLY A 73 8.59 0.64 -5.32
C GLY A 73 8.65 -0.88 -5.49
N SER A 74 8.18 -1.35 -6.63
CA SER A 74 8.02 -2.78 -6.85
C SER A 74 7.86 -3.06 -8.33
N ASP A 75 8.09 -4.32 -8.70
CA ASP A 75 7.79 -4.80 -10.06
C ASP A 75 8.46 -3.92 -11.12
N LYS A 76 9.72 -3.55 -10.86
CA LYS A 76 10.49 -2.70 -11.74
C LYS A 76 9.82 -1.37 -12.07
N GLY A 77 9.79 -0.44 -11.12
CA GLY A 77 9.49 0.94 -11.44
C GLY A 77 8.05 1.40 -11.25
N ILE A 78 7.20 0.60 -10.62
CA ILE A 78 5.81 0.98 -10.36
C ILE A 78 5.53 0.77 -8.88
N ALA A 79 4.28 0.99 -8.45
CA ALA A 79 3.92 0.93 -7.03
C ALA A 79 2.49 0.45 -6.89
N PRO A 80 2.24 -0.83 -7.16
CA PRO A 80 0.85 -1.33 -7.07
C PRO A 80 0.29 -1.16 -5.66
N GLY A 81 1.12 -1.32 -4.63
CA GLY A 81 0.64 -1.18 -3.26
C GLY A 81 0.11 0.21 -2.99
N THR A 82 0.80 1.25 -3.49
CA THR A 82 0.30 2.60 -3.34
C THR A 82 -1.05 2.79 -4.03
N SER A 83 -1.21 2.18 -5.22
CA SER A 83 -2.50 2.30 -5.88
C SER A 83 -3.59 1.60 -5.07
N VAL A 84 -3.26 0.46 -4.45
CA VAL A 84 -4.23 -0.18 -3.55
C VAL A 84 -4.60 0.75 -2.41
N LEU A 85 -3.59 1.40 -1.80
CA LEU A 85 -3.90 2.33 -0.73
C LEU A 85 -4.82 3.45 -1.22
N ARG A 86 -4.60 3.94 -2.44
CA ARG A 86 -5.47 4.97 -2.98
C ARG A 86 -6.89 4.46 -3.16
N GLN A 87 -7.01 3.20 -3.58
CA GLN A 87 -8.33 2.60 -3.73
C GLN A 87 -9.00 2.40 -2.37
N TRP A 88 -8.21 2.16 -1.34
CA TRP A 88 -8.73 1.80 -0.02
C TRP A 88 -9.09 3.02 0.83
N LEU A 89 -8.19 4.00 0.86
CA LEU A 89 -8.28 5.14 1.77
C LEU A 89 -9.35 6.14 1.34
N PRO A 90 -9.75 7.01 2.28
CA PRO A 90 -10.60 8.15 1.92
C PRO A 90 -9.99 8.97 0.79
N THR A 91 -10.86 9.57 -0.04
CA THR A 91 -10.35 10.35 -1.17
C THR A 91 -9.54 11.55 -0.70
N ASP A 92 -9.80 12.08 0.51
CA ASP A 92 -9.00 13.19 1.01
C ASP A 92 -7.77 12.77 1.82
N ALA A 93 -7.46 11.47 1.91
CA ALA A 93 -6.23 11.06 2.58
C ALA A 93 -5.01 11.51 1.78
N ILE A 94 -3.93 11.82 2.49
CA ILE A 94 -2.67 12.18 1.84
C ILE A 94 -1.76 10.96 1.88
N ILE A 95 -1.24 10.54 0.73
CA ILE A 95 -0.32 9.41 0.67
C ILE A 95 1.04 9.95 0.28
N ILE A 96 2.02 9.73 1.15
CA ILE A 96 3.42 9.96 0.87
C ILE A 96 4.08 8.59 0.71
N ASP A 97 4.81 8.38 -0.38
CA ASP A 97 5.50 7.11 -0.49
C ASP A 97 6.97 7.32 -0.86
N ASN A 98 7.73 6.23 -0.76
CA ASN A 98 9.18 6.30 -0.74
C ASN A 98 9.76 4.92 -1.06
N ASP A 99 10.84 4.91 -1.83
CA ASP A 99 11.70 3.74 -1.99
C ASP A 99 13.07 4.22 -2.45
N LEU A 100 14.03 3.29 -2.45
CA LEU A 100 15.41 3.62 -2.84
C LEU A 100 15.49 4.22 -4.25
N ASN A 101 14.96 3.52 -5.24
CA ASN A 101 15.13 3.87 -6.64
C ASN A 101 13.87 4.50 -7.23
N GLU A 102 14.02 5.04 -8.44
CA GLU A 102 12.92 5.75 -9.09
C GLU A 102 11.75 4.80 -9.36
N PHE A 103 10.54 5.33 -9.24
CA PHE A 103 9.35 4.59 -9.63
C PHE A 103 8.25 5.60 -9.86
N VAL A 104 7.17 5.16 -10.48
CA VAL A 104 6.05 6.04 -10.75
C VAL A 104 4.88 5.54 -9.90
N SER A 105 4.12 6.49 -9.37
CA SER A 105 3.22 6.12 -8.28
C SER A 105 2.04 7.07 -8.33
N ASP A 106 0.91 6.59 -7.79
CA ASP A 106 -0.27 7.41 -7.56
C ASP A 106 -0.29 8.09 -6.19
N ALA A 107 0.83 8.14 -5.48
CA ALA A 107 0.85 8.87 -4.22
C ALA A 107 0.67 10.37 -4.47
N ASP A 108 0.35 11.10 -3.40
CA ASP A 108 0.36 12.55 -3.45
C ASP A 108 1.78 13.09 -3.53
N ILE A 109 2.69 12.48 -2.79
CA ILE A 109 4.10 12.89 -2.73
C ILE A 109 4.92 11.62 -2.82
N THR A 110 5.92 11.60 -3.71
CA THR A 110 6.81 10.45 -3.84
C THR A 110 8.26 10.90 -3.67
N LEU A 111 8.96 10.30 -2.71
CA LEU A 111 10.33 10.67 -2.37
C LEU A 111 11.26 9.51 -2.65
N PHE A 112 12.32 9.75 -3.43
CA PHE A 112 13.27 8.69 -3.76
C PHE A 112 14.46 8.76 -2.81
N GLY A 113 15.03 7.60 -2.53
CA GLY A 113 16.21 7.51 -1.70
C GLY A 113 15.96 6.70 -0.44
N ASP A 114 17.01 6.60 0.37
CA ASP A 114 16.93 5.88 1.63
C ASP A 114 15.83 6.47 2.51
N CYS A 115 15.16 5.61 3.28
CA CYS A 115 14.05 6.10 4.11
C CYS A 115 14.55 7.16 5.08
N VAL A 116 15.82 7.07 5.49
CA VAL A 116 16.41 8.09 6.35
C VAL A 116 16.34 9.48 5.74
N THR A 117 16.19 9.57 4.41
CA THR A 117 16.08 10.89 3.82
C THR A 117 14.66 11.45 3.87
N VAL A 118 13.70 10.69 4.40
CA VAL A 118 12.32 11.16 4.49
C VAL A 118 12.12 11.87 5.82
N ARG A 119 11.94 13.18 5.76
CA ARG A 119 11.85 14.03 6.94
C ARG A 119 10.37 14.27 7.23
N VAL A 120 9.84 13.61 8.26
CA VAL A 120 8.45 13.75 8.64
C VAL A 120 8.38 14.93 9.62
N GLY A 121 7.88 16.07 9.15
CA GLY A 121 7.80 17.26 9.97
C GLY A 121 6.70 17.24 11.01
N GLN A 122 5.54 16.67 10.67
CA GLN A 122 4.42 16.56 11.58
C GLN A 122 3.93 15.11 11.66
N GLN A 123 3.35 14.77 12.80
CA GLN A 123 3.00 13.38 13.06
C GLN A 123 1.99 12.85 12.05
N VAL A 124 2.06 11.56 11.79
CA VAL A 124 1.19 10.92 10.81
C VAL A 124 0.25 9.94 11.51
N ASP A 125 -0.70 9.43 10.74
CA ASP A 125 -1.78 8.63 11.28
C ASP A 125 -1.62 7.15 10.99
N LEU A 126 -0.91 6.81 9.93
CA LEU A 126 -0.80 5.42 9.50
C LEU A 126 0.53 5.24 8.76
N VAL A 127 1.31 4.24 9.17
CA VAL A 127 2.58 3.93 8.51
C VAL A 127 2.49 2.53 7.97
N ILE A 128 2.75 2.37 6.66
CA ILE A 128 2.82 1.08 6.00
C ILE A 128 4.26 0.91 5.54
N SER A 129 4.88 -0.21 5.89
CA SER A 129 6.23 -0.44 5.40
C SER A 129 6.32 -1.81 4.77
N ASP A 130 6.85 -1.86 3.55
CA ASP A 130 7.26 -3.10 2.90
C ASP A 130 8.76 -3.14 2.73
N MET A 131 9.49 -2.31 3.48
CA MET A 131 10.93 -2.29 3.35
C MET A 131 11.50 -3.64 3.75
N TYR A 132 12.51 -4.08 2.98
CA TYR A 132 13.12 -5.40 3.13
C TYR A 132 14.50 -5.33 2.49
N ASP A 133 15.55 -5.62 3.28
CA ASP A 133 16.82 -5.58 2.54
C ASP A 133 17.29 -6.99 2.17
N PRO A 134 17.76 -7.17 0.92
CA PRO A 134 18.12 -8.53 0.45
C PRO A 134 19.23 -9.18 1.26
N THR A 135 20.14 -8.40 1.85
CA THR A 135 21.21 -8.99 2.66
C THR A 135 20.69 -9.44 4.03
N GLY A 141 24.35 -18.83 9.77
CA GLY A 141 24.96 -17.60 10.26
C GLY A 141 24.21 -17.04 11.48
N SER A 142 23.18 -17.76 11.94
CA SER A 142 22.45 -17.44 13.17
C SER A 142 21.62 -16.15 13.04
N ASN A 143 20.40 -16.19 13.55
CA ASN A 143 19.37 -15.17 13.26
C ASN A 143 19.27 -14.21 14.46
N GLU A 144 19.93 -13.06 14.32
CA GLU A 144 19.91 -12.01 15.32
C GLU A 144 19.03 -10.85 14.84
N SER A 145 18.60 -10.03 15.80
CA SER A 145 17.86 -8.80 15.50
C SER A 145 18.64 -7.96 14.51
N LYS A 146 17.98 -7.58 13.41
CA LYS A 146 18.56 -6.68 12.44
C LYS A 146 18.34 -5.23 12.85
N ALA A 147 19.15 -4.33 12.27
CA ALA A 147 19.00 -2.89 12.50
C ALA A 147 18.47 -2.25 11.23
N LEU A 148 19.32 -1.71 10.35
CA LEU A 148 18.93 -1.22 9.02
C LEU A 148 17.92 -0.07 9.16
N PHE A 149 16.86 -0.06 8.33
CA PHE A 149 15.75 0.89 8.39
C PHE A 149 14.89 0.68 9.63
N PHE A 150 15.10 -0.41 10.36
CA PHE A 150 14.30 -0.61 11.57
C PHE A 150 14.61 0.47 12.59
N THR A 151 15.86 0.93 12.67
CA THR A 151 16.17 2.00 13.61
C THR A 151 15.34 3.24 13.30
N TYR A 152 15.23 3.55 12.00
CA TYR A 152 14.44 4.68 11.54
C TYR A 152 12.97 4.51 11.91
N LEU A 153 12.43 3.30 11.71
CA LEU A 153 11.00 3.10 11.96
C LEU A 153 10.70 3.19 13.47
N CYS A 154 11.58 2.64 14.28
CA CYS A 154 11.38 2.70 15.72
C CYS A 154 11.37 4.15 16.18
N ASN A 155 12.31 4.94 15.66
CA ASN A 155 12.34 6.34 16.03
C ASN A 155 11.09 7.07 15.55
N LEU A 156 10.60 6.70 14.36
CA LEU A 156 9.38 7.30 13.85
C LEU A 156 8.20 7.02 14.77
N ILE A 157 8.07 5.77 15.23
CA ILE A 157 6.96 5.45 16.12
C ILE A 157 7.05 6.28 17.39
N ASN A 158 8.26 6.46 17.91
CA ASN A 158 8.39 7.16 19.17
C ASN A 158 8.17 8.67 19.04
N ASN A 159 8.29 9.22 17.83
CA ASN A 159 8.33 10.68 17.68
C ASN A 159 7.35 11.27 16.67
N ASN A 160 7.07 10.56 15.58
CA ASN A 160 6.38 11.15 14.45
C ASN A 160 5.04 10.46 14.16
N LEU A 161 4.50 9.77 15.14
CA LEU A 161 3.24 9.02 15.00
C LEU A 161 2.22 9.59 15.96
N ALA A 162 1.06 9.98 15.45
CA ALA A 162 -0.02 10.48 16.30
C ALA A 162 -0.42 9.44 17.34
N LEU A 163 -0.73 9.91 18.56
CA LEU A 163 -1.43 9.04 19.50
C LEU A 163 -2.74 8.61 18.83
N GLY A 164 -3.02 7.31 18.86
CA GLY A 164 -4.16 6.78 18.13
C GLY A 164 -3.81 6.28 16.74
N GLY A 165 -2.62 6.60 16.25
CA GLY A 165 -2.19 6.14 14.94
C GLY A 165 -1.77 4.69 14.96
N SER A 166 -1.57 4.12 13.75
CA SER A 166 -1.26 2.71 13.66
C SER A 166 -0.13 2.49 12.67
N VAL A 167 0.47 1.31 12.74
CA VAL A 167 1.55 0.91 11.83
C VAL A 167 1.31 -0.52 11.36
N ALA A 168 1.78 -0.79 10.14
CA ALA A 168 1.81 -2.14 9.57
C ALA A 168 3.18 -2.29 8.91
N ILE A 169 4.06 -3.11 9.50
CA ILE A 169 5.48 -3.11 9.13
C ILE A 169 5.90 -4.53 8.76
N LYS A 170 6.38 -4.69 7.54
CA LYS A 170 6.74 -6.03 7.07
C LYS A 170 7.96 -6.55 7.79
N ILE A 171 7.89 -7.82 8.19
CA ILE A 171 9.03 -8.52 8.76
C ILE A 171 9.03 -9.90 8.13
N THR A 172 10.14 -10.60 8.29
CA THR A 172 10.23 -11.97 7.81
C THR A 172 10.98 -12.74 8.86
N GLU A 173 11.29 -14.01 8.52
CA GLU A 173 12.11 -14.81 9.42
C GLU A 173 13.42 -14.11 9.74
N HIS A 174 14.07 -13.52 8.74
CA HIS A 174 15.38 -12.92 8.96
C HIS A 174 15.39 -11.39 8.99
N SER A 175 14.34 -10.75 8.54
CA SER A 175 14.25 -9.29 8.55
C SER A 175 13.32 -8.91 9.68
N TRP A 176 13.87 -8.60 10.86
CA TRP A 176 13.05 -8.31 12.04
C TRP A 176 13.93 -7.58 13.05
N SER A 177 13.28 -7.04 14.08
CA SER A 177 13.93 -6.14 15.02
C SER A 177 13.39 -6.39 16.41
N VAL A 178 14.27 -6.58 17.40
CA VAL A 178 13.84 -6.70 18.78
C VAL A 178 13.08 -5.47 19.21
N GLU A 179 13.64 -4.31 18.93
CA GLU A 179 13.05 -3.07 19.43
C GLU A 179 11.66 -2.83 18.84
N LEU A 180 11.48 -3.17 17.56
CA LEU A 180 10.16 -2.98 16.97
C LEU A 180 9.10 -3.87 17.63
N TYR A 181 9.42 -5.14 17.92
CA TYR A 181 8.44 -5.94 18.66
C TYR A 181 8.10 -5.28 20.00
N GLU A 182 9.13 -4.80 20.72
CA GLU A 182 8.87 -4.19 22.03
C GLU A 182 8.00 -2.94 21.90
N LEU A 183 8.18 -2.15 20.82
CA LEU A 183 7.30 -0.98 20.62
C LEU A 183 5.83 -1.37 20.39
N MET A 184 5.57 -2.59 19.94
CA MET A 184 4.16 -2.98 19.84
C MET A 184 3.45 -2.90 21.17
N GLY A 185 4.21 -2.99 22.28
CA GLY A 185 3.64 -2.85 23.63
C GLY A 185 3.15 -1.46 23.97
N LYS A 186 3.40 -0.49 23.11
CA LYS A 186 2.94 0.86 23.35
C LYS A 186 1.69 1.18 22.53
N PHE A 187 1.10 0.19 21.89
CA PHE A 187 -0.18 0.34 21.23
C PHE A 187 -1.28 -0.30 22.06
N ALA A 188 -2.52 0.09 21.79
CA ALA A 188 -3.63 -0.55 22.47
C ALA A 188 -3.72 -2.05 22.14
N TRP A 189 -3.32 -2.46 20.94
CA TRP A 189 -3.44 -3.85 20.49
C TRP A 189 -2.39 -4.07 19.39
N TRP A 190 -1.95 -5.31 19.22
CA TRP A 190 -0.94 -5.58 18.20
C TRP A 190 -1.08 -7.03 17.77
N THR A 191 -0.53 -7.35 16.59
CA THR A 191 -0.44 -8.74 16.16
C THR A 191 0.61 -8.81 15.05
N VAL A 192 0.85 -10.03 14.53
CA VAL A 192 1.48 -10.19 13.23
C VAL A 192 0.41 -10.76 12.29
N PHE A 193 0.24 -10.13 11.12
CA PHE A 193 -0.73 -10.54 10.12
C PHE A 193 -0.02 -11.09 8.88
N CYS A 194 -0.43 -12.28 8.43
CA CYS A 194 0.12 -12.93 7.24
C CYS A 194 -0.98 -13.09 6.19
N THR A 195 -0.80 -12.43 5.04
CA THR A 195 -1.80 -12.53 3.98
C THR A 195 -1.89 -13.96 3.48
N ASN A 196 -3.10 -14.34 3.08
CA ASN A 196 -3.26 -15.62 2.40
C ASN A 196 -2.57 -15.65 1.05
N ALA A 197 -2.43 -14.49 0.42
CA ALA A 197 -1.80 -14.45 -0.90
C ALA A 197 -0.32 -14.79 -0.83
N ASN A 198 0.32 -14.57 0.32
CA ASN A 198 1.75 -14.84 0.44
C ASN A 198 2.01 -15.79 1.60
N ALA A 199 1.07 -16.72 1.82
CA ALA A 199 1.10 -17.53 3.03
C ALA A 199 2.24 -18.52 3.03
N SER A 200 2.87 -18.77 1.87
CA SER A 200 3.98 -19.69 1.84
C SER A 200 5.32 -19.01 2.16
N SER A 201 5.31 -17.73 2.51
CA SER A 201 6.52 -17.03 2.90
C SER A 201 6.51 -16.74 4.40
N SER A 202 7.70 -16.61 5.00
CA SER A 202 7.75 -16.25 6.43
C SER A 202 7.39 -14.81 6.66
N GLU A 203 7.09 -14.08 5.60
CA GLU A 203 6.63 -12.70 5.71
C GLU A 203 5.44 -12.58 6.64
N GLY A 204 5.42 -11.50 7.42
CA GLY A 204 4.24 -11.10 8.17
C GLY A 204 4.29 -9.61 8.30
N PHE A 205 3.12 -9.01 8.61
CA PHE A 205 3.02 -7.59 8.85
C PHE A 205 2.82 -7.38 10.34
N LEU A 206 3.80 -6.77 10.96
CA LEU A 206 3.68 -6.44 12.37
C LEU A 206 2.75 -5.26 12.48
N LEU A 207 1.62 -5.43 13.17
CA LEU A 207 0.57 -4.41 13.26
C LEU A 207 0.53 -3.83 14.67
N GLY A 208 0.69 -2.52 14.75
CA GLY A 208 0.42 -1.83 16.02
C GLY A 208 -0.81 -0.97 15.80
N ILE A 209 -1.90 -1.24 16.53
CA ILE A 209 -3.17 -0.52 16.31
C ILE A 209 -3.43 0.41 17.50
N ASN A 210 -3.48 1.72 17.21
CA ASN A 210 -3.78 2.82 18.14
C ASN A 210 -2.64 3.09 19.11
N TYR A 211 -1.74 3.97 18.70
CA TYR A 211 -0.55 4.21 19.50
C TYR A 211 -0.92 4.97 20.77
N LEU A 212 -0.41 4.49 21.93
CA LEU A 212 -0.70 5.16 23.20
C LEU A 212 0.49 5.92 23.77
N GLY A 213 1.69 5.74 23.22
CA GLY A 213 2.82 6.48 23.73
C GLY A 213 3.28 6.03 25.10
N THR A 214 2.77 4.90 25.60
CA THR A 214 3.11 4.44 26.93
C THR A 214 3.05 2.92 26.89
N ILE A 215 3.81 2.28 27.78
CA ILE A 215 3.96 0.82 27.75
C ILE A 215 2.70 0.19 28.33
N LYS A 216 1.93 -0.48 27.49
CA LYS A 216 0.77 -1.25 27.93
C LYS A 216 1.08 -2.73 28.12
N GLU A 217 2.07 -3.24 27.40
CA GLU A 217 2.46 -4.64 27.50
C GLU A 217 3.97 -4.66 27.44
N ASN A 218 4.60 -5.32 28.43
CA ASN A 218 6.03 -5.49 28.40
C ASN A 218 6.34 -6.71 27.54
N ILE A 219 7.06 -6.51 26.46
CA ILE A 219 7.31 -7.55 25.47
C ILE A 219 8.80 -7.78 25.43
N ASP A 220 9.20 -9.04 25.44
CA ASP A 220 10.58 -9.42 25.17
C ASP A 220 10.65 -9.67 23.67
N GLY A 221 11.31 -8.76 22.94
CA GLY A 221 11.23 -8.78 21.48
C GLY A 221 11.85 -10.01 20.86
N GLY A 222 13.03 -10.43 21.34
CA GLY A 222 13.66 -11.65 20.82
C GLY A 222 12.81 -12.88 21.08
N ALA A 223 12.26 -13.00 22.28
CA ALA A 223 11.36 -14.11 22.59
C ALA A 223 10.12 -14.07 21.70
N MET A 224 9.60 -12.89 21.41
CA MET A 224 8.36 -12.82 20.66
C MET A 224 8.57 -13.21 19.19
N HIS A 225 9.75 -12.92 18.63
CA HIS A 225 10.02 -13.39 17.28
C HIS A 225 10.14 -14.91 17.27
N ALA A 226 10.70 -15.49 18.32
CA ALA A 226 10.72 -16.94 18.40
C ALA A 226 9.28 -17.48 18.45
N ASN A 227 8.38 -16.78 19.17
CA ASN A 227 6.97 -17.15 19.21
C ASN A 227 6.30 -17.01 17.84
N TYR A 228 6.63 -15.96 17.10
CA TYR A 228 6.10 -15.78 15.76
C TYR A 228 6.49 -16.94 14.84
N ILE A 229 7.77 -17.32 14.86
CA ILE A 229 8.21 -18.44 14.04
C ILE A 229 7.54 -19.75 14.50
N PHE A 230 7.47 -19.96 15.82
CA PHE A 230 6.79 -21.14 16.35
C PHE A 230 5.35 -21.20 15.84
N TRP A 231 4.65 -20.05 15.85
CA TRP A 231 3.29 -19.99 15.30
C TRP A 231 3.28 -20.35 13.82
N ARG A 232 4.16 -19.73 13.02
CA ARG A 232 4.20 -20.09 11.60
C ARG A 232 4.52 -21.57 11.43
N ASN A 233 5.41 -22.13 12.27
CA ASN A 233 5.74 -23.54 12.09
C ASN A 233 4.58 -24.44 12.48
N SER A 234 3.65 -23.95 13.30
CA SER A 234 2.56 -24.75 13.85
C SER A 234 1.25 -24.63 13.07
N THR A 235 1.16 -23.75 12.09
CA THR A 235 -0.13 -23.28 11.60
C THR A 235 -0.24 -23.49 10.10
N PRO A 236 -0.94 -24.55 9.64
CA PRO A 236 -1.26 -24.65 8.21
C PRO A 236 -1.91 -23.37 7.70
N MET A 237 -1.37 -22.85 6.60
CA MET A 237 -1.98 -21.73 5.88
C MET A 237 -1.99 -22.11 4.41
N ASN A 238 -3.15 -22.03 3.78
CA ASN A 238 -3.28 -22.33 2.35
C ASN A 238 -3.24 -21.05 1.56
N LEU A 239 -2.44 -21.04 0.50
CA LEU A 239 -2.43 -19.92 -0.42
C LEU A 239 -3.84 -19.70 -0.92
N SER A 240 -4.27 -18.44 -0.95
CA SER A 240 -5.65 -18.20 -1.37
C SER A 240 -5.86 -16.71 -1.54
N THR A 241 -6.71 -16.36 -2.51
CA THR A 241 -7.18 -14.98 -2.64
C THR A 241 -8.72 -14.92 -2.66
N TYR A 242 -9.38 -15.93 -2.10
CA TYR A 242 -10.84 -15.97 -2.04
C TYR A 242 -11.42 -14.70 -1.42
N SER A 243 -10.71 -14.09 -0.45
CA SER A 243 -11.26 -12.90 0.20
C SER A 243 -11.44 -11.76 -0.80
N LEU A 244 -10.71 -11.78 -1.91
CA LEU A 244 -10.83 -10.73 -2.92
C LEU A 244 -11.96 -10.99 -3.89
N PHE A 245 -12.69 -12.10 -3.72
CA PHE A 245 -13.76 -12.44 -4.66
C PHE A 245 -14.97 -11.53 -4.48
N ASP A 246 -15.15 -10.96 -3.28
CA ASP A 246 -16.21 -9.98 -3.01
C ASP A 246 -15.59 -8.71 -2.43
N LEU A 247 -15.58 -7.63 -3.22
CA LEU A 247 -14.94 -6.37 -2.83
C LEU A 247 -15.94 -5.27 -2.54
N SER A 248 -17.22 -5.61 -2.36
CA SER A 248 -18.26 -4.61 -2.16
C SER A 248 -18.03 -3.77 -0.90
N LYS A 249 -17.29 -4.26 0.08
CA LYS A 249 -17.04 -3.49 1.30
C LYS A 249 -15.54 -3.24 1.50
N PHE A 250 -14.79 -3.14 0.40
CA PHE A 250 -13.34 -3.09 0.52
C PHE A 250 -12.86 -1.77 1.12
N GLN A 251 -13.50 -0.65 0.75
CA GLN A 251 -12.97 0.67 1.11
C GLN A 251 -13.00 0.86 2.63
N LEU A 252 -12.00 1.58 3.12
CA LEU A 252 -11.89 1.91 4.53
C LEU A 252 -13.10 2.73 4.97
N LYS A 253 -13.64 2.40 6.14
CA LYS A 253 -14.82 3.12 6.63
C LYS A 253 -14.49 4.60 6.84
N LEU A 254 -15.42 5.47 6.46
CA LEU A 254 -15.26 6.92 6.60
C LEU A 254 -15.67 7.30 8.02
N LYS A 255 -14.74 7.18 8.96
CA LYS A 255 -15.10 7.31 10.35
C LYS A 255 -15.19 8.75 10.84
N GLY A 256 -14.58 9.71 10.13
CA GLY A 256 -14.56 11.08 10.66
C GLY A 256 -13.90 11.20 12.03
N THR A 257 -12.88 10.39 12.29
CA THR A 257 -12.22 10.37 13.59
C THR A 257 -11.69 11.76 13.95
N PRO A 258 -12.04 12.30 15.11
CA PRO A 258 -11.58 13.65 15.47
C PRO A 258 -10.08 13.70 15.80
N VAL A 259 -9.48 14.85 15.52
CA VAL A 259 -8.07 15.13 15.82
C VAL A 259 -8.03 16.25 16.85
N LEU A 260 -7.40 15.99 17.99
CA LEU A 260 -7.35 16.93 19.09
C LEU A 260 -5.89 17.20 19.45
N GLN A 261 -5.57 18.42 19.84
CA GLN A 261 -4.29 18.72 20.47
C GLN A 261 -4.50 18.74 21.97
N LEU A 262 -3.64 18.02 22.68
CA LEU A 262 -3.69 17.97 24.13
C LEU A 262 -2.26 17.91 24.68
N LYS A 263 -2.07 18.52 25.85
CA LYS A 263 -0.82 18.35 26.58
C LYS A 263 -0.77 16.96 27.19
N GLU A 264 0.44 16.46 27.42
CA GLU A 264 0.58 15.14 28.04
C GLU A 264 -0.10 15.11 29.39
N SER A 265 -0.06 16.22 30.13
CA SER A 265 -0.68 16.29 31.45
C SER A 265 -2.20 16.16 31.39
N GLN A 266 -2.82 16.43 30.24
CA GLN A 266 -4.27 16.38 30.11
C GLN A 266 -4.76 15.00 29.69
N ILE A 267 -3.86 14.12 29.27
CA ILE A 267 -4.23 12.79 28.80
C ILE A 267 -4.62 11.95 30.02
N ASN A 268 -5.92 11.71 30.21
CA ASN A 268 -6.47 11.01 31.34
C ASN A 268 -7.12 9.70 30.90
N GLU A 269 -7.87 9.10 31.80
CA GLU A 269 -8.50 7.82 31.53
C GLU A 269 -9.43 7.88 30.31
N LEU A 270 -10.26 8.92 30.21
CA LEU A 270 -11.20 9.03 29.10
C LEU A 270 -10.44 9.09 27.78
N VAL A 271 -9.40 9.92 27.71
CA VAL A 271 -8.65 10.05 26.47
C VAL A 271 -7.99 8.72 26.09
N ILE A 272 -7.31 8.07 27.04
CA ILE A 272 -6.71 6.77 26.74
C ILE A 272 -7.75 5.79 26.23
N SER A 273 -8.94 5.82 26.83
CA SER A 273 -10.00 4.93 26.37
C SER A 273 -10.43 5.25 24.94
N LEU A 274 -10.59 6.54 24.60
CA LEU A 274 -10.97 6.89 23.23
C LEU A 274 -9.88 6.53 22.23
N LEU A 275 -8.62 6.81 22.57
CA LEU A 275 -7.51 6.40 21.70
C LEU A 275 -7.52 4.90 21.47
N SER A 276 -7.73 4.14 22.54
CA SER A 276 -7.65 2.68 22.50
C SER A 276 -8.78 2.05 21.73
N GLN A 277 -9.89 2.76 21.57
CA GLN A 277 -11.03 2.27 20.80
C GLN A 277 -11.01 2.75 19.36
N GLY A 278 -9.96 3.44 18.93
CA GLY A 278 -9.99 3.98 17.57
C GLY A 278 -10.85 5.21 17.35
N LYS A 279 -11.16 5.95 18.41
CA LYS A 279 -12.12 7.05 18.32
C LYS A 279 -11.47 8.42 18.42
N LEU A 280 -10.12 8.48 18.43
CA LEU A 280 -9.47 9.77 18.61
C LEU A 280 -8.03 9.71 18.10
N LEU A 281 -7.57 10.83 17.56
CA LEU A 281 -6.15 11.07 17.33
C LEU A 281 -5.70 12.29 18.13
N ILE A 282 -4.48 12.25 18.66
CA ILE A 282 -3.86 13.45 19.24
C ILE A 282 -2.63 13.78 18.41
N ARG A 283 -2.66 14.94 17.77
CA ARG A 283 -1.54 15.49 17.00
C ARG A 283 -1.94 16.89 16.57
N ASP A 284 -1.02 17.57 15.90
CA ASP A 284 -1.33 18.87 15.31
C ASP A 284 -2.40 18.70 14.23
N ASN A 285 -3.15 19.77 14.00
CA ASN A 285 -4.18 19.80 12.96
C ASN A 285 -3.87 20.82 11.88
N ASP A 286 -2.59 21.14 11.69
CA ASP A 286 -2.12 22.05 10.66
C ASP A 286 -2.05 21.32 9.32
N THR A 287 -1.48 21.98 8.31
CA THR A 287 -1.28 21.35 7.00
C THR A 287 0.05 20.61 6.99
N LEU A 288 0.06 19.46 6.32
CA LEU A 288 1.16 18.52 6.41
C LEU A 288 2.33 18.92 5.50
N SER A 289 3.55 18.59 5.95
CA SER A 289 4.77 18.84 5.18
C SER A 289 5.77 17.72 5.46
N VAL A 290 6.10 16.95 4.43
CA VAL A 290 7.05 15.85 4.51
C VAL A 290 8.04 16.01 3.35
N SER A 291 9.31 16.24 3.68
CA SER A 291 10.32 16.71 2.75
C SER A 291 11.48 15.71 2.67
N THR A 292 12.43 16.03 1.79
CA THR A 292 13.68 15.27 1.67
C THR A 292 14.78 16.00 2.42
N ASP A 293 15.56 15.25 3.22
CA ASP A 293 16.64 15.79 4.02
C ASP A 293 17.94 15.82 3.21
N VAL A 294 19.00 16.34 3.84
CA VAL A 294 20.34 16.36 3.25
C VAL A 294 21.36 15.68 4.16
N PHE B 7 9.29 -6.13 -20.12
CA PHE B 7 10.64 -6.68 -20.04
C PHE B 7 11.66 -5.58 -20.34
N ALA B 8 12.72 -5.94 -21.07
CA ALA B 8 13.59 -4.92 -21.66
C ALA B 8 12.89 -4.18 -22.79
N SER B 9 11.73 -4.66 -23.23
CA SER B 9 10.99 -3.99 -24.30
C SER B 9 10.25 -2.76 -23.78
N ASN B 10 9.75 -2.81 -22.54
CA ASN B 10 9.21 -1.60 -21.92
C ASN B 10 10.26 -0.50 -21.94
N SER B 11 11.47 -0.81 -21.47
CA SER B 11 12.56 0.15 -21.54
C SER B 11 12.80 0.62 -22.97
N SER B 12 12.58 -0.24 -23.96
CA SER B 12 12.85 0.11 -25.34
C SER B 12 11.90 1.20 -25.83
N VAL B 13 10.58 0.95 -25.73
CA VAL B 13 9.63 1.94 -26.23
C VAL B 13 9.67 3.21 -25.36
N LEU B 14 9.89 3.04 -24.06
CA LEU B 14 10.02 4.20 -23.18
C LEU B 14 11.28 4.99 -23.50
N SER B 15 12.31 4.32 -24.01
CA SER B 15 13.49 5.03 -24.48
C SER B 15 13.19 5.76 -25.78
N LEU B 16 12.47 5.08 -26.68
CA LEU B 16 12.15 5.66 -27.98
C LEU B 16 11.43 7.00 -27.85
N VAL B 17 10.45 7.10 -26.95
CA VAL B 17 9.65 8.32 -26.85
C VAL B 17 10.45 9.48 -26.27
N ASN B 18 11.69 9.22 -25.87
CA ASN B 18 12.61 10.30 -25.49
C ASN B 18 13.39 10.85 -26.67
N PHE B 19 13.32 10.21 -27.83
CA PHE B 19 14.06 10.61 -29.01
C PHE B 19 13.18 11.36 -30.00
N THR B 20 12.12 12.01 -29.50
CA THR B 20 11.10 12.57 -30.38
C THR B 20 10.48 13.81 -29.74
N VAL B 21 9.97 14.70 -30.61
CA VAL B 21 9.26 15.90 -30.16
C VAL B 21 7.77 15.66 -29.96
N ASP B 22 7.23 14.52 -30.43
CA ASP B 22 5.82 14.17 -30.29
C ASP B 22 5.72 12.77 -29.68
N PRO B 23 5.87 12.66 -28.36
CA PRO B 23 5.81 11.32 -27.73
C PRO B 23 4.51 10.58 -27.96
N GLN B 24 3.37 11.27 -27.96
CA GLN B 24 2.10 10.61 -28.26
C GLN B 24 2.15 9.93 -29.63
N LYS B 25 2.62 10.66 -30.64
CA LYS B 25 2.68 10.10 -31.99
C LYS B 25 3.71 8.99 -32.08
N ALA B 26 4.87 9.19 -31.44
CA ALA B 26 5.90 8.15 -31.44
C ALA B 26 5.34 6.85 -30.91
N TYR B 27 4.63 6.91 -29.78
CA TYR B 27 4.07 5.69 -29.18
C TYR B 27 3.02 5.06 -30.08
N LEU B 28 2.04 5.84 -30.51
CA LEU B 28 0.97 5.30 -31.33
C LEU B 28 1.52 4.72 -32.64
N ASP B 29 2.40 5.46 -33.32
CA ASP B 29 2.99 4.92 -34.56
C ASP B 29 3.78 3.65 -34.28
N PHE B 30 4.46 3.59 -33.12
CA PHE B 30 5.18 2.39 -32.74
C PHE B 30 4.25 1.19 -32.60
N VAL B 31 3.18 1.32 -31.79
CA VAL B 31 2.29 0.17 -31.60
C VAL B 31 1.46 -0.09 -32.86
N ASN B 32 1.13 0.95 -33.64
CA ASN B 32 0.37 0.69 -34.86
C ASN B 32 1.19 -0.06 -35.90
N ALA B 33 2.51 -0.02 -35.82
CA ALA B 33 3.40 -0.75 -36.72
C ALA B 33 3.79 -2.12 -36.17
N GLY B 34 3.12 -2.58 -35.12
CA GLY B 34 3.37 -3.87 -34.53
C GLY B 34 4.30 -3.90 -33.34
N GLY B 35 4.69 -2.74 -32.80
CA GLY B 35 5.58 -2.73 -31.67
C GLY B 35 4.88 -3.24 -30.43
N ALA B 36 5.65 -3.79 -29.50
CA ALA B 36 5.04 -4.34 -28.28
C ALA B 36 4.50 -3.20 -27.42
N PRO B 37 3.20 -3.20 -27.08
CA PRO B 37 2.68 -2.18 -26.16
C PRO B 37 3.41 -2.20 -24.83
N LEU B 38 3.36 -1.06 -24.15
CA LEU B 38 3.87 -0.98 -22.79
C LEU B 38 3.07 -1.91 -21.89
N THR B 39 3.78 -2.70 -21.10
CA THR B 39 3.12 -3.59 -20.15
C THR B 39 3.42 -3.10 -18.73
N ASN B 40 3.11 -3.94 -17.76
CA ASN B 40 3.35 -3.63 -16.36
C ASN B 40 2.49 -2.45 -15.90
N CYS B 41 1.36 -2.22 -16.56
CA CYS B 41 0.38 -1.26 -16.05
C CYS B 41 -0.28 -1.86 -14.81
N VAL B 42 -0.75 -1.00 -13.90
CA VAL B 42 -1.23 -1.45 -12.57
C VAL B 42 -2.73 -1.70 -12.68
N LYS B 43 -3.12 -2.93 -13.00
CA LYS B 43 -4.53 -3.28 -13.09
C LYS B 43 -5.09 -3.59 -11.70
N MET B 44 -6.19 -2.94 -11.32
CA MET B 44 -6.75 -3.15 -10.00
C MET B 44 -7.81 -4.24 -10.05
N LEU B 45 -8.15 -4.78 -8.87
CA LEU B 45 -9.31 -5.65 -8.72
C LEU B 45 -10.46 -4.83 -8.15
N THR B 46 -11.63 -4.92 -8.77
CA THR B 46 -12.72 -4.02 -8.47
C THR B 46 -14.02 -4.80 -8.53
N PRO B 47 -15.05 -4.36 -7.82
CA PRO B 47 -16.39 -4.89 -8.11
C PRO B 47 -16.86 -4.19 -9.37
N LYS B 48 -17.15 -4.95 -10.39
CA LYS B 48 -17.43 -4.24 -11.62
C LYS B 48 -18.83 -3.60 -11.57
N THR B 49 -19.02 -2.71 -10.58
CA THR B 49 -20.29 -2.05 -10.35
C THR B 49 -20.13 -0.54 -10.32
N GLY B 50 -19.11 -0.01 -11.01
CA GLY B 50 -18.87 1.42 -11.00
C GLY B 50 -19.74 2.17 -12.02
N THR B 51 -19.62 3.50 -11.99
CA THR B 51 -20.38 4.34 -12.91
C THR B 51 -19.89 4.21 -14.34
N GLY B 52 -18.61 3.94 -14.52
CA GLY B 52 -18.06 3.76 -15.85
C GLY B 52 -17.44 4.98 -16.47
N ILE B 53 -17.23 6.06 -15.71
CA ILE B 53 -16.58 7.25 -16.29
C ILE B 53 -15.09 6.97 -16.56
N ALA B 54 -14.50 7.82 -17.40
CA ALA B 54 -13.13 7.61 -17.86
C ALA B 54 -12.12 7.68 -16.71
N ILE B 55 -12.12 8.78 -15.96
CA ILE B 55 -11.13 9.06 -14.92
C ILE B 55 -11.86 9.36 -13.63
N SER B 56 -11.44 8.72 -12.53
CA SER B 56 -12.24 8.77 -11.32
C SER B 56 -11.34 8.64 -10.09
N VAL B 57 -11.80 9.20 -8.96
CA VAL B 57 -10.97 9.21 -7.77
C VAL B 57 -10.92 7.82 -7.15
N LYS B 58 -11.96 7.03 -7.34
CA LYS B 58 -11.98 5.62 -6.94
C LYS B 58 -12.24 4.80 -8.20
N PRO B 59 -11.93 3.50 -8.17
CA PRO B 59 -12.25 2.64 -9.32
C PRO B 59 -13.73 2.67 -9.64
N GLU B 60 -14.04 2.72 -10.95
CA GLU B 60 -15.41 2.85 -11.43
C GLU B 60 -15.70 1.93 -12.61
N SER B 61 -14.98 0.83 -12.74
CA SER B 61 -15.23 -0.07 -13.85
C SER B 61 -16.64 -0.65 -13.81
N THR B 62 -17.29 -0.63 -14.97
CA THR B 62 -18.43 -1.48 -15.27
C THR B 62 -17.95 -2.90 -15.58
N ALA B 63 -18.91 -3.77 -15.89
CA ALA B 63 -18.59 -5.16 -16.24
C ALA B 63 -17.85 -5.26 -17.56
N ASP B 64 -17.87 -4.20 -18.37
CA ASP B 64 -17.18 -4.16 -19.67
C ASP B 64 -15.85 -3.40 -19.61
N GLN B 65 -15.32 -3.16 -18.42
CA GLN B 65 -14.11 -2.34 -18.30
C GLN B 65 -13.17 -2.98 -17.28
N GLU B 66 -11.92 -2.48 -17.29
CA GLU B 66 -10.94 -2.76 -16.26
C GLU B 66 -10.44 -1.41 -15.73
N THR B 67 -10.04 -1.38 -14.47
CA THR B 67 -9.57 -0.15 -13.85
C THR B 67 -8.06 -0.23 -13.65
N TYR B 68 -7.35 0.84 -14.02
CA TYR B 68 -5.91 0.91 -13.81
C TYR B 68 -5.54 2.08 -12.90
N GLY B 69 -4.48 1.89 -12.11
CA GLY B 69 -3.81 3.00 -11.46
C GLY B 69 -3.36 4.02 -12.50
N GLY B 70 -3.68 5.30 -12.26
CA GLY B 70 -3.58 6.28 -13.34
C GLY B 70 -2.16 6.54 -13.80
N ALA B 71 -1.21 6.66 -12.87
CA ALA B 71 0.15 6.97 -13.27
C ALA B 71 0.73 5.88 -14.16
N SER B 72 0.37 4.62 -13.90
CA SER B 72 0.94 3.51 -14.66
C SER B 72 0.44 3.44 -16.10
N VAL B 73 -0.68 4.09 -16.45
CA VAL B 73 -1.11 4.12 -17.86
C VAL B 73 -0.84 5.46 -18.51
N CYS B 74 -0.12 6.36 -17.84
CA CYS B 74 0.27 7.65 -18.42
C CYS B 74 1.64 7.51 -19.05
N LEU B 75 1.72 7.75 -20.39
CA LEU B 75 3.00 7.72 -21.09
C LEU B 75 4.01 8.66 -20.48
N TYR B 76 3.57 9.87 -20.14
CA TYR B 76 4.49 10.87 -19.62
C TYR B 76 5.02 10.48 -18.26
N CYS B 77 4.17 9.93 -17.38
CA CYS B 77 4.66 9.44 -16.09
C CYS B 77 5.62 8.26 -16.28
N ARG B 78 5.20 7.26 -17.07
CA ARG B 78 6.01 6.05 -17.25
C ARG B 78 7.37 6.35 -17.85
N ALA B 79 7.44 7.34 -18.77
CA ALA B 79 8.68 7.66 -19.47
C ALA B 79 9.46 8.81 -18.82
N HIS B 80 8.97 9.33 -17.69
CA HIS B 80 9.59 10.44 -16.98
C HIS B 80 9.94 11.60 -17.91
N ILE B 81 8.92 12.04 -18.67
CA ILE B 81 9.06 13.20 -19.54
C ILE B 81 7.96 14.19 -19.21
N GLU B 82 8.09 15.40 -19.78
CA GLU B 82 7.20 16.51 -19.45
C GLU B 82 5.77 16.23 -19.88
N HIS B 83 4.83 16.57 -19.01
CA HIS B 83 3.42 16.42 -19.37
C HIS B 83 2.99 17.53 -20.32
N PRO B 84 2.13 17.21 -21.30
CA PRO B 84 1.72 18.23 -22.27
C PRO B 84 0.77 19.26 -21.70
N ASP B 85 0.02 18.93 -20.65
CA ASP B 85 -1.03 19.80 -20.14
C ASP B 85 -0.49 21.19 -19.80
N VAL B 86 -1.20 22.22 -20.27
CA VAL B 86 -0.92 23.59 -19.84
C VAL B 86 -0.86 23.68 -18.32
N SER B 87 -1.69 22.90 -17.64
CA SER B 87 -1.67 22.85 -16.18
C SER B 87 -0.30 22.46 -15.65
N GLY B 88 0.43 21.62 -16.37
CA GLY B 88 1.57 20.91 -15.82
C GLY B 88 1.22 19.70 -14.97
N VAL B 89 -0.01 19.59 -14.49
CA VAL B 89 -0.41 18.46 -13.66
C VAL B 89 -1.02 17.36 -14.52
N CYS B 90 -0.62 16.13 -14.22
CA CYS B 90 -1.10 14.98 -14.96
C CYS B 90 -2.59 14.77 -14.72
N LYS B 91 -3.32 14.42 -15.77
CA LYS B 91 -4.75 14.14 -15.58
C LYS B 91 -5.00 12.77 -14.96
N TYR B 92 -4.03 11.85 -15.00
CA TYR B 92 -4.24 10.50 -14.49
C TYR B 92 -3.61 10.25 -13.12
N LYS B 93 -2.43 10.81 -12.88
CA LYS B 93 -1.64 10.44 -11.71
C LYS B 93 -2.44 10.67 -10.43
N GLY B 94 -2.48 9.65 -9.57
CA GLY B 94 -3.23 9.73 -8.33
C GLY B 94 -4.69 9.38 -8.46
N LYS B 95 -5.17 9.13 -9.68
CA LYS B 95 -6.55 8.78 -9.93
C LYS B 95 -6.59 7.38 -10.54
N PHE B 96 -7.80 6.93 -10.89
CA PHE B 96 -7.97 5.66 -11.58
C PHE B 96 -8.56 5.93 -12.95
N VAL B 97 -8.15 5.09 -13.92
CA VAL B 97 -8.55 5.22 -15.32
C VAL B 97 -9.24 3.94 -15.76
N GLN B 98 -10.46 4.06 -16.26
CA GLN B 98 -11.19 2.91 -16.77
C GLN B 98 -10.91 2.71 -18.25
N ILE B 99 -10.61 1.47 -18.62
CA ILE B 99 -10.28 1.09 -19.99
C ILE B 99 -11.32 0.08 -20.44
N PRO B 100 -11.89 0.21 -21.65
CA PRO B 100 -12.78 -0.84 -22.17
C PRO B 100 -12.07 -2.18 -22.16
N ALA B 101 -12.81 -3.21 -21.76
CA ALA B 101 -12.22 -4.55 -21.62
C ALA B 101 -11.60 -5.04 -22.92
N GLN B 102 -12.17 -4.66 -24.06
CA GLN B 102 -11.60 -5.12 -25.33
C GLN B 102 -10.31 -4.43 -25.69
N CYS B 103 -9.79 -3.53 -24.84
CA CYS B 103 -8.63 -2.74 -25.17
C CYS B 103 -7.48 -2.96 -24.21
N VAL B 104 -7.63 -3.87 -23.25
CA VAL B 104 -6.63 -4.02 -22.19
C VAL B 104 -5.26 -4.44 -22.70
N ARG B 105 -5.14 -4.88 -23.95
CA ARG B 105 -3.83 -5.28 -24.44
C ARG B 105 -2.87 -4.10 -24.54
N ASP B 106 -3.37 -2.87 -24.62
CA ASP B 106 -2.51 -1.68 -24.70
C ASP B 106 -3.23 -0.50 -24.06
N PRO B 107 -3.28 -0.45 -22.71
CA PRO B 107 -3.97 0.66 -22.02
C PRO B 107 -3.36 2.03 -22.29
N VAL B 108 -2.04 2.13 -22.35
CA VAL B 108 -1.41 3.42 -22.62
C VAL B 108 -1.82 3.89 -24.01
N GLY B 109 -1.81 3.00 -24.99
CA GLY B 109 -2.18 3.40 -26.34
C GLY B 109 -3.63 3.85 -26.42
N PHE B 110 -4.51 3.21 -25.64
CA PHE B 110 -5.90 3.64 -25.60
C PHE B 110 -6.02 5.06 -25.07
N CYS B 111 -5.40 5.35 -23.92
CA CYS B 111 -5.47 6.70 -23.36
C CYS B 111 -4.86 7.74 -24.29
N LEU B 112 -3.79 7.41 -25.02
CA LEU B 112 -3.24 8.38 -25.96
C LEU B 112 -4.19 8.60 -27.14
N SER B 113 -5.09 7.65 -27.41
CA SER B 113 -5.92 7.67 -28.60
C SER B 113 -7.34 8.20 -28.34
N ASN B 114 -7.67 8.52 -27.09
CA ASN B 114 -9.04 8.90 -26.77
C ASN B 114 -9.05 10.05 -25.77
N THR B 115 -10.24 10.66 -25.65
CA THR B 115 -10.44 11.85 -24.84
C THR B 115 -11.74 11.70 -24.08
N PRO B 116 -11.75 11.97 -22.77
CA PRO B 116 -13.03 12.02 -22.05
C PRO B 116 -13.88 13.20 -22.52
N CYS B 117 -15.19 12.98 -22.56
CA CYS B 117 -16.15 14.05 -22.86
C CYS B 117 -16.03 15.18 -21.84
N ASN B 118 -16.08 16.41 -22.35
CA ASN B 118 -15.84 17.56 -21.49
C ASN B 118 -17.01 17.82 -20.54
N VAL B 119 -18.24 17.62 -21.01
CA VAL B 119 -19.39 17.79 -20.13
C VAL B 119 -19.72 16.49 -19.40
N CYS B 120 -19.56 15.37 -20.08
CA CYS B 120 -20.07 14.08 -19.67
C CYS B 120 -19.07 13.23 -18.88
N GLN B 121 -17.78 13.37 -19.16
CA GLN B 121 -16.66 12.71 -18.48
C GLN B 121 -16.56 11.22 -18.80
N TYR B 122 -17.44 10.67 -19.63
CA TYR B 122 -17.18 9.35 -20.18
C TYR B 122 -16.26 9.47 -21.39
N TRP B 123 -15.64 8.35 -21.78
CA TRP B 123 -14.86 8.30 -23.00
C TRP B 123 -15.75 8.57 -24.20
N ILE B 124 -15.31 9.45 -25.10
CA ILE B 124 -15.99 9.61 -26.38
C ILE B 124 -15.91 8.30 -27.16
N GLY B 125 -17.06 7.80 -27.59
CA GLY B 125 -17.13 6.54 -28.29
C GLY B 125 -17.10 5.31 -27.40
N TYR B 126 -16.84 5.47 -26.11
CA TYR B 126 -16.86 4.33 -25.19
C TYR B 126 -17.61 4.74 -23.94
N GLY B 127 -18.86 5.15 -24.12
CA GLY B 127 -19.70 5.50 -22.99
C GLY B 127 -20.40 6.84 -23.08
N CYS B 128 -19.75 7.84 -23.68
CA CYS B 128 -20.37 9.16 -23.80
C CYS B 128 -21.57 9.08 -24.73
N ASN B 129 -22.73 9.52 -24.23
CA ASN B 129 -23.97 9.58 -24.99
C ASN B 129 -24.38 11.01 -25.35
N CYS B 130 -23.44 11.95 -25.34
CA CYS B 130 -23.75 13.36 -25.54
C CYS B 130 -24.02 13.70 -27.01
ZN ZN C . 1.28 11.47 -16.05
ZN ZN D . -20.64 13.13 -23.01
#